data_3FVN
#
_entry.id   3FVN
#
_cell.length_a   47.550
_cell.length_b   50.814
_cell.length_c   63.037
_cell.angle_alpha   80.38
_cell.angle_beta   84.37
_cell.angle_gamma   62.09
#
_symmetry.space_group_name_H-M   'P 1'
#
loop_
_entity.id
_entity.type
_entity.pdbx_description
1 polymer 'Glutamate receptor, ionotropic kainate 1'
2 non-polymer GLYCEROL
3 non-polymer '(2R,3aR,7R,7aR)-2-[(2S)-2-amino-3-hydroxy-3-oxo-propyl]-7-hydroxy-3,3a,5,6,7,7a-hexahydrofuro[4,5-b]pyran-2-carboxylic acid'
4 non-polymer 'SULFATE ION'
5 water water
#
_entity_poly.entity_id   1
_entity_poly.type   'polypeptide(L)'
_entity_poly.pdbx_seq_one_letter_code
;ANRTLIVTTILEEPYVMYRKSDKPLYGNDRFEGYCLDLLKELSNILGFIYDVKLVPDGKYGAQNDKGEWNGMVKELIDHR
ADLAVAPLTITYVREKVIDFSKPFMTLGISILYRKGTPIDSADDLAKQTKIEYGAVRDGSTMTFFKKSKISTYEKMWAFM
SSRQQTALVRNSDEGIQRVLTTDYALLMESTSIEYVTQRNCNLTQIGGLIDSKGYGVGTPIGSPYRDKITIAILQLQEEG
KLHMMKEKWWRGNGCP
;
_entity_poly.pdbx_strand_id   A,B
#
# COMPACT_ATOMS: atom_id res chain seq x y z
N ALA A 1 34.93 6.41 2.60
CA ALA A 1 33.50 6.82 2.71
C ALA A 1 32.64 6.09 1.66
N ASN A 2 31.40 5.82 2.03
CA ASN A 2 30.43 5.23 1.11
C ASN A 2 30.32 6.09 -0.15
N ARG A 3 30.35 5.46 -1.34
CA ARG A 3 30.24 6.20 -2.62
C ARG A 3 28.95 7.01 -2.63
N THR A 4 29.03 8.24 -3.13
CA THR A 4 27.85 9.11 -3.20
C THR A 4 26.84 8.51 -4.17
N LEU A 5 25.62 8.31 -3.69
CA LEU A 5 24.59 7.69 -4.52
C LEU A 5 24.03 8.67 -5.54
N ILE A 6 23.80 8.17 -6.75
CA ILE A 6 23.20 8.98 -7.81
C ILE A 6 21.71 8.74 -7.78
N VAL A 7 20.97 9.84 -7.63
CA VAL A 7 19.51 9.76 -7.59
C VAL A 7 18.94 10.35 -8.85
N THR A 8 18.19 9.53 -9.59
CA THR A 8 17.42 10.06 -10.71
C THR A 8 16.06 10.53 -10.21
N THR A 9 15.60 11.67 -10.72
CA THR A 9 14.30 12.18 -10.33
C THR A 9 13.75 13.03 -11.47
N ILE A 10 12.60 13.63 -11.23
CA ILE A 10 11.93 14.41 -12.27
C ILE A 10 11.21 15.57 -11.58
N LEU A 11 11.03 16.69 -12.28
CA LEU A 11 10.30 17.81 -11.72
C LEU A 11 8.81 17.48 -11.69
N GLU A 12 8.21 17.60 -10.52
CA GLU A 12 6.78 17.32 -10.35
C GLU A 12 6.33 17.91 -9.04
N GLU A 13 5.47 18.92 -9.09
CA GLU A 13 5.00 19.56 -7.86
C GLU A 13 4.06 18.64 -7.08
N PRO A 14 4.17 18.61 -5.73
CA PRO A 14 5.13 19.25 -4.84
C PRO A 14 6.23 18.27 -4.38
N TYR A 15 6.50 17.28 -5.21
CA TYR A 15 7.53 16.27 -4.90
C TYR A 15 8.94 16.80 -5.12
N VAL A 16 9.15 17.41 -6.27
CA VAL A 16 10.47 17.89 -6.68
C VAL A 16 10.24 19.20 -7.44
N MET A 17 10.75 20.29 -6.89
CA MET A 17 10.54 21.64 -7.45
C MET A 17 11.79 22.45 -7.31
N TYR A 18 11.93 23.47 -8.16
CA TYR A 18 13.03 24.41 -7.96
C TYR A 18 12.77 25.31 -6.76
N ARG A 19 13.72 25.35 -5.84
CA ARG A 19 13.70 26.30 -4.73
C ARG A 19 13.85 27.74 -5.24
N LYS A 20 13.08 28.65 -4.65
CA LYS A 20 13.14 30.06 -4.99
C LYS A 20 14.16 30.73 -4.08
N SER A 21 15.13 31.41 -4.68
CA SER A 21 16.14 32.12 -3.92
C SER A 21 16.63 33.34 -4.68
N ASP A 22 17.05 34.35 -3.93
CA ASP A 22 17.61 35.57 -4.51
CA ASP A 22 17.61 35.58 -4.50
C ASP A 22 19.12 35.44 -4.66
N LYS A 23 19.66 34.31 -4.20
CA LYS A 23 21.09 34.02 -4.25
C LYS A 23 21.32 32.68 -4.97
N PRO A 24 22.55 32.46 -5.49
CA PRO A 24 22.82 31.21 -6.21
C PRO A 24 22.62 29.96 -5.36
N LEU A 25 22.05 28.93 -5.99
CA LEU A 25 21.91 27.60 -5.39
C LEU A 25 22.57 26.59 -6.30
N TYR A 26 23.31 25.67 -5.70
CA TYR A 26 24.05 24.66 -6.44
C TYR A 26 23.69 23.26 -5.98
N GLY A 27 23.86 22.31 -6.89
CA GLY A 27 23.68 20.91 -6.52
C GLY A 27 22.30 20.66 -5.99
N ASN A 28 22.23 19.84 -4.94
CA ASN A 28 20.93 19.45 -4.39
C ASN A 28 20.12 20.62 -3.85
N ASP A 29 20.79 21.70 -3.48
CA ASP A 29 20.12 22.87 -2.90
C ASP A 29 19.19 23.58 -3.88
N ARG A 30 19.31 23.27 -5.17
CA ARG A 30 18.40 23.83 -6.17
C ARG A 30 16.99 23.26 -6.03
N PHE A 31 16.85 22.16 -5.32
CA PHE A 31 15.58 21.43 -5.30
C PHE A 31 14.95 21.37 -3.92
N GLU A 32 13.62 21.34 -3.90
CA GLU A 32 12.88 21.12 -2.65
C GLU A 32 11.62 20.34 -2.96
N GLY A 33 11.00 19.79 -1.91
CA GLY A 33 9.73 19.11 -2.07
C GLY A 33 9.64 17.85 -1.25
N TYR A 34 8.48 17.21 -1.31
CA TYR A 34 8.24 15.97 -0.58
C TYR A 34 9.36 14.95 -0.79
N CYS A 35 9.78 14.76 -2.03
CA CYS A 35 10.78 13.74 -2.32
C CYS A 35 12.18 14.15 -1.85
N LEU A 36 12.45 15.44 -1.78
CA LEU A 36 13.72 15.89 -1.22
C LEU A 36 13.72 15.67 0.29
N ASP A 37 12.61 15.94 0.96
CA ASP A 37 12.51 15.62 2.38
C ASP A 37 12.61 14.12 2.61
N LEU A 38 11.97 13.34 1.75
CA LEU A 38 12.09 11.88 1.84
C LEU A 38 13.56 11.43 1.75
N LEU A 39 14.29 11.98 0.78
CA LEU A 39 15.72 11.69 0.65
C LEU A 39 16.54 12.05 1.89
N LYS A 40 16.22 13.19 2.51
CA LYS A 40 16.95 13.61 3.72
C LYS A 40 16.75 12.59 4.83
N GLU A 41 15.51 12.09 4.95
CA GLU A 41 15.18 11.09 5.95
C GLU A 41 15.82 9.74 5.65
N LEU A 42 15.65 9.25 4.41
CA LEU A 42 16.18 7.93 4.03
C LEU A 42 17.70 7.89 4.16
N SER A 43 18.36 8.96 3.73
CA SER A 43 19.82 9.03 3.77
C SER A 43 20.34 9.07 5.20
N ASN A 44 19.62 9.73 6.11
CA ASN A 44 19.96 9.66 7.54
C ASN A 44 19.92 8.24 8.07
N ILE A 45 18.87 7.50 7.70
CA ILE A 45 18.66 6.14 8.21
C ILE A 45 19.64 5.14 7.60
N LEU A 46 20.00 5.32 6.33
CA LEU A 46 20.87 4.39 5.60
C LEU A 46 22.35 4.76 5.62
N GLY A 47 22.66 6.02 5.92
CA GLY A 47 24.05 6.43 6.06
C GLY A 47 24.75 6.80 4.76
N PHE A 48 24.07 7.55 3.88
CA PHE A 48 24.71 7.98 2.65
C PHE A 48 24.44 9.45 2.33
N ILE A 49 25.31 10.01 1.49
CA ILE A 49 24.99 11.27 0.79
C ILE A 49 24.69 10.94 -0.67
N TYR A 50 24.11 11.91 -1.38
CA TYR A 50 23.54 11.64 -2.71
C TYR A 50 23.64 12.86 -3.61
N ASP A 51 23.53 12.61 -4.90
CA ASP A 51 23.59 13.63 -5.94
C ASP A 51 22.31 13.53 -6.75
N VAL A 52 21.47 14.56 -6.69
CA VAL A 52 20.19 14.57 -7.39
C VAL A 52 20.37 14.99 -8.84
N LYS A 53 19.95 14.13 -9.76
CA LYS A 53 20.10 14.40 -11.19
C LYS A 53 18.75 14.25 -11.88
N LEU A 54 18.26 15.31 -12.50
CA LEU A 54 17.02 15.23 -13.25
C LEU A 54 17.19 14.32 -14.46
N VAL A 55 16.21 13.44 -14.67
CA VAL A 55 16.29 12.46 -15.77
C VAL A 55 16.45 13.20 -17.11
N PRO A 56 17.52 12.86 -17.87
CA PRO A 56 17.79 13.62 -19.09
C PRO A 56 16.65 13.75 -20.09
N ASP A 57 15.87 12.68 -20.30
CA ASP A 57 14.80 12.72 -21.30
C ASP A 57 13.48 13.26 -20.75
N GLY A 58 13.45 13.58 -19.46
CA GLY A 58 12.27 14.18 -18.84
C GLY A 58 11.05 13.29 -18.74
N LYS A 59 11.28 11.97 -18.74
CA LYS A 59 10.19 11.00 -18.73
C LYS A 59 10.23 10.12 -17.49
N TYR A 60 9.06 9.61 -17.12
CA TYR A 60 8.96 8.65 -16.02
C TYR A 60 9.45 7.28 -16.48
N GLY A 61 8.86 6.78 -17.57
CA GLY A 61 9.35 5.56 -18.22
C GLY A 61 8.28 4.62 -18.74
N ALA A 62 8.39 4.29 -20.02
CA ALA A 62 7.54 3.30 -20.64
C ALA A 62 8.37 2.51 -21.65
N GLN A 63 7.86 1.35 -22.05
CA GLN A 63 8.57 0.52 -23.04
C GLN A 63 7.87 0.59 -24.38
N ASN A 64 8.68 0.61 -25.45
CA ASN A 64 8.15 0.66 -26.81
C ASN A 64 7.86 -0.74 -27.35
N ASP A 65 7.49 -0.81 -28.63
CA ASP A 65 7.21 -2.08 -29.30
C ASP A 65 8.38 -3.06 -29.21
N LYS A 66 9.60 -2.53 -29.28
CA LYS A 66 10.83 -3.34 -29.20
C LYS A 66 11.17 -3.76 -27.76
N GLY A 67 10.42 -3.24 -26.79
CA GLY A 67 10.63 -3.56 -25.39
C GLY A 67 11.71 -2.71 -24.73
N GLU A 68 12.09 -1.63 -25.42
CA GLU A 68 13.09 -0.69 -24.92
C GLU A 68 12.42 0.34 -24.02
N TRP A 69 13.05 0.60 -22.86
CA TRP A 69 12.54 1.57 -21.89
C TRP A 69 13.16 2.94 -22.06
N ASN A 70 12.48 3.95 -21.52
CA ASN A 70 13.04 5.29 -21.43
C ASN A 70 12.88 5.82 -20.02
N GLY A 71 13.16 7.10 -19.82
CA GLY A 71 12.93 7.78 -18.55
C GLY A 71 13.70 7.25 -17.37
N MET A 72 13.15 7.47 -16.17
CA MET A 72 13.83 7.04 -14.95
C MET A 72 13.99 5.53 -14.88
N VAL A 73 13.01 4.80 -15.43
CA VAL A 73 13.10 3.35 -15.44
C VAL A 73 14.36 2.92 -16.21
N LYS A 74 14.59 3.49 -17.39
CA LYS A 74 15.80 3.19 -18.16
C LYS A 74 17.07 3.54 -17.38
N GLU A 75 17.07 4.69 -16.71
CA GLU A 75 18.25 5.07 -15.91
C GLU A 75 18.60 3.98 -14.89
N LEU A 76 17.58 3.39 -14.27
CA LEU A 76 17.82 2.30 -13.32
C LEU A 76 18.27 1.00 -14.01
N ILE A 77 17.57 0.60 -15.08
CA ILE A 77 17.95 -0.61 -15.82
C ILE A 77 19.42 -0.55 -16.24
N ASP A 78 19.81 0.62 -16.72
CA ASP A 78 21.16 0.82 -17.25
C ASP A 78 22.18 1.20 -16.17
N HIS A 79 21.78 1.13 -14.90
CA HIS A 79 22.68 1.46 -13.79
C HIS A 79 23.36 2.82 -13.96
N ARG A 80 22.60 3.79 -14.43
CA ARG A 80 23.02 5.18 -14.49
C ARG A 80 22.74 5.88 -13.16
N ALA A 81 21.81 5.33 -12.40
CA ALA A 81 21.46 5.87 -11.09
C ALA A 81 21.35 4.72 -10.11
N ASP A 82 21.57 5.03 -8.83
CA ASP A 82 21.43 4.06 -7.77
C ASP A 82 20.00 3.95 -7.29
N LEU A 83 19.30 5.08 -7.30
CA LEU A 83 17.92 5.14 -6.82
C LEU A 83 17.15 6.11 -7.66
N ALA A 84 15.84 5.88 -7.77
CA ALA A 84 14.91 6.85 -8.34
C ALA A 84 13.98 7.26 -7.20
N VAL A 85 14.01 8.55 -6.83
CA VAL A 85 13.16 9.05 -5.76
C VAL A 85 12.30 10.15 -6.37
N ALA A 86 11.04 9.80 -6.57
CA ALA A 86 10.10 10.57 -7.38
C ALA A 86 8.72 9.98 -7.13
N PRO A 87 7.65 10.63 -7.59
CA PRO A 87 6.33 9.99 -7.59
C PRO A 87 6.31 8.93 -8.68
N LEU A 88 7.02 7.83 -8.42
CA LEU A 88 7.23 6.76 -9.39
C LEU A 88 6.29 5.59 -9.08
N THR A 89 5.34 5.35 -9.96
CA THR A 89 4.28 4.38 -9.73
C THR A 89 4.78 2.94 -9.81
N ILE A 90 4.45 2.18 -8.78
CA ILE A 90 4.75 0.76 -8.71
C ILE A 90 3.79 -0.03 -9.57
N THR A 91 4.32 -0.62 -10.66
CA THR A 91 3.49 -1.35 -11.61
C THR A 91 4.08 -2.72 -11.93
N TYR A 92 3.21 -3.63 -12.34
CA TYR A 92 3.62 -4.97 -12.75
C TYR A 92 4.71 -4.95 -13.82
N VAL A 93 4.50 -4.16 -14.86
CA VAL A 93 5.47 -4.14 -15.98
C VAL A 93 6.83 -3.61 -15.54
N ARG A 94 6.84 -2.59 -14.68
CA ARG A 94 8.09 -2.06 -14.18
C ARG A 94 8.76 -2.98 -13.17
N GLU A 95 7.96 -3.62 -12.32
CA GLU A 95 8.53 -4.49 -11.29
C GLU A 95 9.30 -5.67 -11.88
N LYS A 96 8.97 -6.05 -13.12
CA LYS A 96 9.71 -7.11 -13.80
C LYS A 96 11.12 -6.70 -14.20
N VAL A 97 11.36 -5.39 -14.28
CA VAL A 97 12.64 -4.89 -14.82
C VAL A 97 13.48 -4.05 -13.84
N ILE A 98 12.85 -3.53 -12.79
CA ILE A 98 13.55 -2.83 -11.70
C ILE A 98 13.05 -3.37 -10.36
N ASP A 99 13.70 -2.98 -9.27
CA ASP A 99 13.23 -3.34 -7.92
C ASP A 99 12.64 -2.12 -7.25
N PHE A 100 11.40 -2.20 -6.82
CA PHE A 100 10.79 -1.11 -6.06
C PHE A 100 10.84 -1.35 -4.55
N SER A 101 10.97 -0.27 -3.78
CA SER A 101 10.71 -0.34 -2.34
C SER A 101 9.22 -0.57 -2.09
N LYS A 102 8.86 -0.88 -0.85
CA LYS A 102 7.48 -0.80 -0.42
C LYS A 102 6.96 0.63 -0.66
N PRO A 103 5.64 0.78 -0.84
CA PRO A 103 5.10 2.09 -1.18
C PRO A 103 5.19 3.11 -0.05
N PHE A 104 5.41 4.37 -0.43
CA PHE A 104 5.39 5.47 0.53
C PHE A 104 4.16 6.39 0.41
N MET A 105 3.31 6.12 -0.58
CA MET A 105 2.09 6.89 -0.82
C MET A 105 1.20 6.04 -1.71
N THR A 106 -0.11 6.21 -1.56
CA THR A 106 -1.05 5.55 -2.47
C THR A 106 -1.92 6.58 -3.16
N LEU A 107 -2.47 6.19 -4.31
CA LEU A 107 -3.20 7.09 -5.19
C LEU A 107 -3.93 6.28 -6.24
N GLY A 108 -4.71 6.96 -7.09
CA GLY A 108 -5.32 6.31 -8.24
C GLY A 108 -5.49 7.31 -9.36
N ILE A 109 -5.65 6.80 -10.57
CA ILE A 109 -5.91 7.67 -11.72
C ILE A 109 -7.31 8.28 -11.62
N SER A 110 -7.39 9.57 -11.92
CA SER A 110 -8.69 10.21 -12.08
C SER A 110 -8.60 11.25 -13.22
N ILE A 111 -9.61 12.13 -13.32
CA ILE A 111 -9.69 13.10 -14.42
C ILE A 111 -9.63 14.51 -13.87
N LEU A 112 -8.79 15.34 -14.49
CA LEU A 112 -8.70 16.77 -14.23
C LEU A 112 -9.35 17.52 -15.38
N TYR A 113 -10.27 18.41 -15.05
CA TYR A 113 -10.85 19.29 -16.06
C TYR A 113 -11.24 20.62 -15.45
N ARG A 114 -11.78 21.51 -16.28
CA ARG A 114 -12.38 22.75 -15.78
C ARG A 114 -13.78 22.47 -15.25
N LYS A 115 -14.36 23.47 -14.60
CA LYS A 115 -15.69 23.32 -14.05
C LYS A 115 -16.79 23.58 -15.07
N GLY A 116 -17.99 23.11 -14.78
CA GLY A 116 -19.17 23.49 -15.56
C GLY A 116 -19.70 22.55 -16.63
N THR A 117 -19.11 21.35 -16.75
CA THR A 117 -19.61 20.36 -17.72
C THR A 117 -20.44 19.27 -17.03
N PRO A 118 -21.28 18.55 -17.80
CA PRO A 118 -22.05 17.45 -17.22
C PRO A 118 -21.27 16.14 -17.11
N ILE A 119 -20.01 16.14 -17.56
CA ILE A 119 -19.18 14.94 -17.52
C ILE A 119 -18.90 14.58 -16.06
N ASP A 120 -19.23 13.35 -15.69
CA ASP A 120 -19.17 12.92 -14.29
C ASP A 120 -18.35 11.65 -14.09
N SER A 121 -17.83 11.08 -15.17
CA SER A 121 -17.10 9.81 -15.12
C SER A 121 -16.26 9.60 -16.38
N ALA A 122 -15.35 8.63 -16.34
CA ALA A 122 -14.62 8.22 -17.54
C ALA A 122 -15.58 7.74 -18.64
N ASP A 123 -16.61 6.98 -18.26
CA ASP A 123 -17.63 6.55 -19.23
C ASP A 123 -18.21 7.75 -19.96
N ASP A 124 -18.59 8.78 -19.21
CA ASP A 124 -19.14 10.00 -19.81
C ASP A 124 -18.12 10.65 -20.74
N LEU A 125 -16.88 10.74 -20.27
CA LEU A 125 -15.81 11.39 -21.03
C LEU A 125 -15.52 10.67 -22.35
N ALA A 126 -15.50 9.33 -22.31
CA ALA A 126 -15.20 8.53 -23.51
C ALA A 126 -16.33 8.62 -24.51
N LYS A 127 -17.55 8.77 -24.00
CA LYS A 127 -18.73 8.74 -24.85
C LYS A 127 -18.93 10.05 -25.62
N GLN A 128 -18.78 11.17 -24.92
CA GLN A 128 -18.98 12.48 -25.51
C GLN A 128 -17.87 12.80 -26.51
N THR A 129 -18.16 13.76 -27.39
CA THR A 129 -17.28 14.09 -28.50
C THR A 129 -16.91 15.58 -28.56
N LYS A 130 -17.17 16.33 -27.48
CA LYS A 130 -16.85 17.76 -27.45
C LYS A 130 -15.48 18.05 -26.86
N ILE A 131 -15.14 17.33 -25.79
CA ILE A 131 -13.90 17.50 -25.04
C ILE A 131 -12.90 16.41 -25.43
N GLU A 132 -11.67 16.82 -25.72
CA GLU A 132 -10.55 15.90 -25.99
C GLU A 132 -9.98 15.47 -24.64
N TYR A 133 -9.13 14.45 -24.63
CA TYR A 133 -8.49 14.04 -23.37
C TYR A 133 -7.21 13.27 -23.66
N GLY A 134 -6.36 13.18 -22.65
CA GLY A 134 -5.10 12.48 -22.82
C GLY A 134 -4.39 12.30 -21.49
N ALA A 135 -3.10 12.00 -21.57
CA ALA A 135 -2.26 11.74 -20.41
C ALA A 135 -0.86 12.22 -20.71
N VAL A 136 0.00 12.27 -19.69
CA VAL A 136 1.42 12.53 -19.91
C VAL A 136 2.06 11.34 -20.67
N ARG A 137 2.80 11.64 -21.72
CA ARG A 137 3.42 10.59 -22.53
C ARG A 137 4.46 9.83 -21.72
N ASP A 138 4.42 8.51 -21.83
CA ASP A 138 5.43 7.61 -21.28
C ASP A 138 5.48 7.55 -19.76
N GLY A 139 4.32 7.76 -19.14
CA GLY A 139 4.15 7.47 -17.73
C GLY A 139 3.21 6.30 -17.53
N SER A 140 2.98 5.96 -16.27
CA SER A 140 2.13 4.82 -15.93
C SER A 140 0.65 5.03 -16.26
N THR A 141 0.20 6.28 -16.33
CA THR A 141 -1.20 6.52 -16.69
C THR A 141 -1.43 6.19 -18.16
N MET A 142 -0.53 6.66 -19.02
CA MET A 142 -0.55 6.26 -20.42
C MET A 142 -0.54 4.74 -20.52
N THR A 143 0.35 4.09 -19.77
CA THR A 143 0.50 2.64 -19.84
C THR A 143 -0.75 1.91 -19.35
N PHE A 144 -1.41 2.45 -18.33
CA PHE A 144 -2.67 1.89 -17.85
C PHE A 144 -3.69 1.77 -18.98
N PHE A 145 -3.83 2.85 -19.75
CA PHE A 145 -4.75 2.84 -20.87
C PHE A 145 -4.30 1.91 -21.98
N LYS A 146 -3.00 1.93 -22.29
CA LYS A 146 -2.44 1.09 -23.35
C LYS A 146 -2.69 -0.40 -23.09
N LYS A 147 -2.67 -0.78 -21.81
CA LYS A 147 -2.74 -2.18 -21.40
C LYS A 147 -4.15 -2.62 -21.01
N SER A 148 -5.08 -1.69 -20.88
CA SER A 148 -6.40 -2.03 -20.36
C SER A 148 -7.18 -2.96 -21.26
N LYS A 149 -7.91 -3.88 -20.62
CA LYS A 149 -8.85 -4.78 -21.30
C LYS A 149 -10.30 -4.40 -20.98
N ILE A 150 -10.48 -3.26 -20.31
CA ILE A 150 -11.80 -2.72 -20.01
C ILE A 150 -12.22 -1.86 -21.20
N SER A 151 -13.42 -2.15 -21.73
CA SER A 151 -13.88 -1.54 -22.98
CA SER A 151 -13.88 -1.54 -22.97
C SER A 151 -13.77 -0.01 -23.01
N THR A 152 -14.29 0.66 -21.97
CA THR A 152 -14.23 2.12 -21.93
C THR A 152 -12.80 2.59 -22.09
N TYR A 153 -11.89 1.94 -21.37
CA TYR A 153 -10.48 2.38 -21.34
C TYR A 153 -9.73 2.00 -22.61
N GLU A 154 -10.13 0.88 -23.22
CA GLU A 154 -9.62 0.51 -24.55
C GLU A 154 -9.98 1.58 -25.58
N LYS A 155 -11.23 2.07 -25.54
CA LYS A 155 -11.66 3.13 -26.45
C LYS A 155 -10.85 4.39 -26.19
N MET A 156 -10.68 4.71 -24.91
CA MET A 156 -9.90 5.89 -24.51
C MET A 156 -8.45 5.79 -24.99
N TRP A 157 -7.85 4.62 -24.88
CA TRP A 157 -6.51 4.43 -25.43
C TRP A 157 -6.46 4.61 -26.94
N ALA A 158 -7.39 3.99 -27.66
CA ALA A 158 -7.44 4.16 -29.11
C ALA A 158 -7.57 5.64 -29.48
N PHE A 159 -8.41 6.38 -28.76
CA PHE A 159 -8.54 7.82 -28.99
C PHE A 159 -7.23 8.57 -28.73
N MET A 160 -6.64 8.35 -27.55
CA MET A 160 -5.38 9.02 -27.16
C MET A 160 -4.26 8.71 -28.15
N SER A 161 -4.23 7.46 -28.61
CA SER A 161 -3.21 6.98 -29.52
C SER A 161 -3.38 7.52 -30.94
N SER A 162 -4.62 7.65 -31.38
CA SER A 162 -4.95 8.08 -32.75
C SER A 162 -4.42 9.48 -33.05
N ARG A 163 -4.38 10.26 -31.99
CA ARG A 163 -3.91 11.62 -31.99
C ARG A 163 -3.00 11.63 -30.79
N GLN A 164 -1.85 10.96 -30.92
CA GLN A 164 -0.86 10.85 -29.86
C GLN A 164 -0.01 12.11 -29.80
N GLN A 165 0.69 12.40 -30.90
CA GLN A 165 1.46 13.64 -31.04
C GLN A 165 0.66 14.80 -30.43
N THR A 166 -0.66 14.71 -30.59
CA THR A 166 -1.57 15.70 -30.03
C THR A 166 -2.00 15.39 -28.59
N ALA A 167 -2.79 14.34 -28.36
CA ALA A 167 -3.41 14.10 -27.04
C ALA A 167 -2.47 13.77 -25.87
N LEU A 168 -1.28 13.26 -26.17
CA LEU A 168 -0.30 12.91 -25.13
C LEU A 168 0.70 14.02 -24.90
N VAL A 169 0.64 14.61 -23.71
CA VAL A 169 1.43 15.81 -23.39
C VAL A 169 2.80 15.44 -22.83
N ARG A 170 3.74 16.39 -22.90
CA ARG A 170 5.14 16.13 -22.52
C ARG A 170 5.31 15.95 -21.02
N ASN A 171 4.53 16.72 -20.26
CA ASN A 171 4.61 16.71 -18.80
C ASN A 171 3.33 17.29 -18.21
N SER A 172 3.20 17.23 -16.89
CA SER A 172 1.97 17.66 -16.23
C SER A 172 1.68 19.16 -16.42
N ASP A 173 2.72 20.00 -16.46
CA ASP A 173 2.51 21.44 -16.69
C ASP A 173 1.86 21.73 -18.04
N GLU A 174 2.34 21.07 -19.08
CA GLU A 174 1.73 21.17 -20.41
C GLU A 174 0.29 20.66 -20.36
N GLY A 175 0.06 19.56 -19.65
CA GLY A 175 -1.29 19.02 -19.51
C GLY A 175 -2.22 19.99 -18.82
N ILE A 176 -1.77 20.57 -17.71
CA ILE A 176 -2.58 21.53 -16.98
C ILE A 176 -2.85 22.79 -17.83
N GLN A 177 -1.83 23.32 -18.50
CA GLN A 177 -2.05 24.43 -19.44
C GLN A 177 -3.10 24.09 -20.51
N ARG A 178 -3.05 22.86 -21.03
CA ARG A 178 -3.99 22.43 -22.05
C ARG A 178 -5.43 22.37 -21.52
N VAL A 179 -5.58 21.89 -20.28
CA VAL A 179 -6.88 21.88 -19.61
C VAL A 179 -7.42 23.29 -19.41
N LEU A 180 -6.52 24.22 -19.05
CA LEU A 180 -6.95 25.57 -18.73
C LEU A 180 -7.35 26.37 -19.98
N THR A 181 -6.73 26.06 -21.11
CA THR A 181 -6.83 26.88 -22.31
C THR A 181 -7.57 26.28 -23.51
N THR A 182 -7.80 24.97 -23.47
CA THR A 182 -8.51 24.28 -24.54
C THR A 182 -9.52 23.30 -23.96
N ASP A 183 -10.34 22.69 -24.82
CA ASP A 183 -11.33 21.72 -24.39
C ASP A 183 -10.68 20.35 -24.31
N TYR A 184 -9.93 20.17 -23.23
CA TYR A 184 -9.10 18.99 -23.01
C TYR A 184 -9.12 18.62 -21.53
N ALA A 185 -9.34 17.34 -21.24
CA ALA A 185 -9.26 16.80 -19.88
C ALA A 185 -8.01 15.94 -19.74
N LEU A 186 -7.35 16.02 -18.58
CA LEU A 186 -6.14 15.28 -18.36
C LEU A 186 -6.36 14.13 -17.38
N LEU A 187 -6.00 12.94 -17.82
CA LEU A 187 -5.98 11.78 -16.92
C LEU A 187 -4.72 11.89 -16.08
N MET A 188 -4.91 11.91 -14.76
CA MET A 188 -3.89 12.37 -13.82
C MET A 188 -4.01 11.59 -12.51
N GLU A 189 -2.89 11.34 -11.85
CA GLU A 189 -2.94 10.72 -10.53
C GLU A 189 -3.57 11.62 -9.46
N SER A 190 -4.38 11.00 -8.61
CA SER A 190 -5.27 11.71 -7.69
C SER A 190 -4.57 12.64 -6.71
N THR A 191 -3.35 12.27 -6.29
CA THR A 191 -2.59 13.10 -5.36
C THR A 191 -2.17 14.41 -6.02
N SER A 192 -1.92 14.38 -7.32
CA SER A 192 -1.65 15.61 -8.06
C SER A 192 -2.91 16.44 -8.30
N ILE A 193 -4.04 15.76 -8.54
CA ILE A 193 -5.32 16.47 -8.68
C ILE A 193 -5.66 17.19 -7.38
N GLU A 194 -5.46 16.50 -6.25
CA GLU A 194 -5.67 17.08 -4.92
C GLU A 194 -4.84 18.33 -4.73
N TYR A 195 -3.58 18.28 -5.16
CA TYR A 195 -2.69 19.42 -5.03
C TYR A 195 -3.14 20.62 -5.87
N VAL A 196 -3.39 20.39 -7.15
CA VAL A 196 -3.68 21.49 -8.06
C VAL A 196 -5.06 22.11 -7.84
N THR A 197 -6.03 21.27 -7.47
CA THR A 197 -7.39 21.80 -7.29
C THR A 197 -7.56 22.59 -6.00
N GLN A 198 -6.60 22.51 -5.09
CA GLN A 198 -6.65 23.37 -3.91
C GLN A 198 -5.86 24.66 -4.11
N ARG A 199 -5.30 24.82 -5.31
CA ARG A 199 -4.50 26.00 -5.67
C ARG A 199 -5.08 26.82 -6.82
N ASN A 200 -5.63 26.13 -7.81
CA ASN A 200 -6.34 26.78 -8.92
C ASN A 200 -7.82 26.40 -8.87
N CYS A 201 -8.67 27.36 -8.50
CA CYS A 201 -10.07 27.06 -8.27
C CYS A 201 -10.89 26.93 -9.56
N ASN A 202 -10.24 27.08 -10.71
CA ASN A 202 -10.89 26.81 -11.99
C ASN A 202 -10.84 25.34 -12.36
N LEU A 203 -10.06 24.57 -11.59
CA LEU A 203 -9.85 23.15 -11.87
C LEU A 203 -10.66 22.27 -10.93
N THR A 204 -11.06 21.11 -11.42
CA THR A 204 -11.80 20.15 -10.60
C THR A 204 -11.48 18.72 -11.01
N GLN A 205 -11.65 17.81 -10.06
CA GLN A 205 -11.66 16.37 -10.38
C GLN A 205 -13.01 15.98 -11.00
N ILE A 206 -12.97 15.08 -11.99
CA ILE A 206 -14.19 14.49 -12.57
C ILE A 206 -14.22 13.01 -12.22
N GLY A 207 -15.31 12.60 -11.56
CA GLY A 207 -15.45 11.21 -11.14
C GLY A 207 -14.53 10.83 -10.00
N GLY A 208 -14.45 9.53 -9.74
CA GLY A 208 -13.64 9.02 -8.65
C GLY A 208 -12.34 8.46 -9.16
N LEU A 209 -11.77 7.54 -8.39
CA LEU A 209 -10.52 6.90 -8.77
C LEU A 209 -10.84 5.67 -9.62
N ILE A 210 -10.08 5.53 -10.71
CA ILE A 210 -10.28 4.43 -11.64
C ILE A 210 -9.42 3.20 -11.31
N ASP A 211 -8.38 3.40 -10.51
CA ASP A 211 -7.59 2.30 -9.97
C ASP A 211 -6.99 2.69 -8.62
N SER A 212 -6.13 1.85 -8.08
CA SER A 212 -5.44 2.14 -6.83
C SER A 212 -4.07 1.48 -6.86
N LYS A 213 -3.05 2.24 -6.51
CA LYS A 213 -1.67 1.74 -6.57
C LYS A 213 -0.79 2.63 -5.71
N GLY A 214 0.52 2.36 -5.71
CA GLY A 214 1.42 3.10 -4.84
C GLY A 214 2.62 3.68 -5.56
N TYR A 215 3.27 4.65 -4.91
CA TYR A 215 4.59 5.13 -5.32
C TYR A 215 5.66 4.44 -4.50
N GLY A 216 6.77 4.09 -5.14
CA GLY A 216 7.90 3.48 -4.43
C GLY A 216 9.21 4.06 -4.93
N VAL A 217 10.25 3.87 -4.14
CA VAL A 217 11.61 4.24 -4.57
C VAL A 217 12.09 3.12 -5.50
N GLY A 218 12.61 3.51 -6.67
CA GLY A 218 13.12 2.53 -7.63
C GLY A 218 14.60 2.27 -7.46
N THR A 219 15.00 1.02 -7.66
CA THR A 219 16.43 0.67 -7.68
C THR A 219 16.66 -0.33 -8.82
N PRO A 220 17.91 -0.42 -9.32
CA PRO A 220 18.15 -1.49 -10.31
C PRO A 220 17.91 -2.86 -9.70
N ILE A 221 17.50 -3.83 -10.53
CA ILE A 221 17.28 -5.21 -10.04
C ILE A 221 18.55 -5.68 -9.35
N GLY A 222 18.37 -6.30 -8.18
CA GLY A 222 19.48 -6.83 -7.42
C GLY A 222 20.18 -5.83 -6.54
N SER A 223 19.69 -4.58 -6.53
CA SER A 223 20.32 -3.55 -5.72
C SER A 223 20.37 -3.94 -4.25
N PRO A 224 21.54 -3.74 -3.62
CA PRO A 224 21.71 -4.02 -2.20
C PRO A 224 21.11 -2.92 -1.32
N TYR A 225 20.54 -1.90 -1.96
CA TYR A 225 19.86 -0.83 -1.24
C TYR A 225 18.36 -0.99 -1.12
N ARG A 226 17.73 -1.76 -2.02
CA ARG A 226 16.26 -1.80 -2.04
C ARG A 226 15.66 -2.24 -0.71
N ASP A 227 16.17 -3.34 -0.15
CA ASP A 227 15.63 -3.84 1.13
C ASP A 227 15.85 -2.85 2.28
N LYS A 228 17.02 -2.22 2.32
CA LYS A 228 17.30 -1.18 3.31
C LYS A 228 16.36 0.01 3.15
N ILE A 229 16.11 0.40 1.90
CA ILE A 229 15.16 1.48 1.62
C ILE A 229 13.75 1.10 2.06
N THR A 230 13.36 -0.14 1.80
CA THR A 230 12.05 -0.61 2.25
C THR A 230 11.90 -0.52 3.76
N ILE A 231 12.94 -0.97 4.47
CA ILE A 231 12.91 -0.95 5.93
C ILE A 231 12.80 0.50 6.42
N ALA A 232 13.56 1.42 5.80
CA ALA A 232 13.48 2.82 6.17
C ALA A 232 12.10 3.44 5.90
N ILE A 233 11.49 3.07 4.77
CA ILE A 233 10.15 3.55 4.44
C ILE A 233 9.15 3.10 5.49
N LEU A 234 9.22 1.82 5.88
CA LEU A 234 8.33 1.32 6.92
C LEU A 234 8.54 2.04 8.25
N GLN A 235 9.79 2.33 8.59
CA GLN A 235 10.07 3.14 9.78
C GLN A 235 9.38 4.50 9.69
N LEU A 236 9.56 5.19 8.57
CA LEU A 236 8.97 6.51 8.39
C LEU A 236 7.44 6.46 8.40
N GLN A 237 6.89 5.41 7.81
CA GLN A 237 5.45 5.18 7.80
C GLN A 237 4.93 5.07 9.24
N GLU A 238 5.51 4.14 9.98
CA GLU A 238 5.03 3.83 11.33
C GLU A 238 5.22 4.99 12.29
N GLU A 239 6.29 5.76 12.11
CA GLU A 239 6.58 6.91 12.96
C GLU A 239 5.69 8.10 12.63
N GLY A 240 4.90 7.98 11.57
CA GLY A 240 4.00 9.08 11.15
C GLY A 240 4.67 10.15 10.33
N LYS A 241 5.94 9.95 9.99
CA LYS A 241 6.72 10.95 9.25
C LYS A 241 6.26 11.13 7.82
N LEU A 242 5.85 10.05 7.15
CA LEU A 242 5.35 10.20 5.78
C LEU A 242 4.06 11.03 5.77
N HIS A 243 3.19 10.77 6.74
CA HIS A 243 1.98 11.56 6.89
C HIS A 243 2.29 13.05 7.11
N MET A 244 3.24 13.32 8.00
CA MET A 244 3.67 14.70 8.26
C MET A 244 4.23 15.37 7.01
N MET A 245 4.99 14.62 6.22
CA MET A 245 5.53 15.18 4.99
C MET A 245 4.44 15.51 3.98
N LYS A 246 3.43 14.64 3.88
CA LYS A 246 2.31 14.91 3.00
C LYS A 246 1.58 16.18 3.43
N GLU A 247 1.32 16.30 4.73
CA GLU A 247 0.64 17.48 5.26
C GLU A 247 1.45 18.74 4.98
N LYS A 248 2.78 18.64 5.13
CA LYS A 248 3.67 19.78 4.90
C LYS A 248 3.61 20.31 3.46
N TRP A 249 3.57 19.40 2.50
CA TRP A 249 3.72 19.78 1.09
C TRP A 249 2.40 19.99 0.36
N TRP A 250 1.32 19.46 0.92
CA TRP A 250 -0.03 19.66 0.35
C TRP A 250 -0.88 20.75 1.02
N ARG A 251 -0.61 21.03 2.30
CA ARG A 251 -1.38 22.05 3.05
C ARG A 251 -1.51 23.38 2.31
N GLY A 252 -2.66 24.05 2.40
CA GLY A 252 -3.88 23.52 3.02
C GLY A 252 -5.03 23.51 2.01
N ASN A 253 -6.23 23.85 2.45
CA ASN A 253 -7.40 23.95 1.56
C ASN A 253 -7.62 25.39 1.05
N GLY A 254 -7.55 25.56 -0.26
CA GLY A 254 -7.58 26.88 -0.87
C GLY A 254 -8.80 27.20 -1.73
N CYS A 255 -9.64 26.21 -2.01
CA CYS A 255 -10.79 26.41 -2.91
C CYS A 255 -12.09 25.85 -2.35
N PRO A 256 -13.23 26.47 -2.71
CA PRO A 256 -14.52 25.93 -2.27
C PRO A 256 -14.82 24.57 -2.88
N ALA B 1 9.66 -32.35 -11.04
CA ALA B 1 8.66 -31.29 -10.78
C ALA B 1 9.14 -30.34 -9.69
N ASN B 2 8.70 -29.09 -9.77
CA ASN B 2 9.03 -28.09 -8.76
C ASN B 2 8.60 -28.60 -7.38
N ARG B 3 9.46 -28.38 -6.38
CA ARG B 3 9.16 -28.80 -5.00
C ARG B 3 7.84 -28.21 -4.53
N THR B 4 7.02 -29.02 -3.85
CA THR B 4 5.75 -28.54 -3.29
C THR B 4 6.08 -27.55 -2.18
N LEU B 5 5.53 -26.34 -2.29
CA LEU B 5 5.84 -25.29 -1.32
C LEU B 5 5.02 -25.46 -0.05
N ILE B 6 5.66 -25.23 1.08
CA ILE B 6 4.98 -25.31 2.38
C ILE B 6 4.50 -23.91 2.72
N VAL B 7 3.19 -23.81 2.95
CA VAL B 7 2.57 -22.55 3.30
C VAL B 7 2.16 -22.56 4.76
N THR B 8 2.73 -21.62 5.52
CA THR B 8 2.24 -21.39 6.89
C THR B 8 1.07 -20.41 6.86
N THR B 9 0.07 -20.70 7.67
CA THR B 9 -1.09 -19.82 7.73
C THR B 9 -1.75 -19.96 9.10
N ILE B 10 -2.88 -19.27 9.26
CA ILE B 10 -3.55 -19.22 10.55
C ILE B 10 -5.04 -19.10 10.29
N LEU B 11 -5.87 -19.66 11.17
CA LEU B 11 -7.31 -19.49 11.02
C LEU B 11 -7.68 -18.04 11.33
N GLU B 12 -8.38 -17.41 10.40
CA GLU B 12 -8.83 -16.01 10.57
C GLU B 12 -9.88 -15.71 9.51
N GLU B 13 -11.13 -15.51 9.93
CA GLU B 13 -12.22 -15.23 8.98
C GLU B 13 -12.07 -13.84 8.36
N PRO B 14 -12.38 -13.70 7.07
CA PRO B 14 -12.73 -14.72 6.07
C PRO B 14 -11.53 -15.12 5.21
N TYR B 15 -10.32 -14.97 5.75
CA TYR B 15 -9.10 -15.29 5.00
C TYR B 15 -8.83 -16.79 4.92
N VAL B 16 -8.94 -17.47 6.05
CA VAL B 16 -8.63 -18.90 6.19
C VAL B 16 -9.64 -19.44 7.20
N MET B 17 -10.49 -20.34 6.72
CA MET B 17 -11.59 -20.88 7.52
C MET B 17 -11.73 -22.35 7.19
N TYR B 18 -12.23 -23.12 8.15
CA TYR B 18 -12.61 -24.49 7.85
C TYR B 18 -13.87 -24.52 7.00
N ARG B 19 -13.79 -25.20 5.86
CA ARG B 19 -14.94 -25.40 4.98
CA ARG B 19 -14.93 -25.38 4.99
C ARG B 19 -16.00 -26.25 5.67
N LYS B 20 -17.26 -25.85 5.51
CA LYS B 20 -18.39 -26.60 6.08
C LYS B 20 -18.63 -27.83 5.23
N SER B 21 -18.77 -28.98 5.90
CA SER B 21 -18.94 -30.23 5.21
C SER B 21 -19.79 -31.20 6.03
N ASP B 22 -20.47 -32.11 5.33
CA ASP B 22 -21.20 -33.20 5.96
C ASP B 22 -20.33 -34.45 6.05
N LYS B 23 -19.06 -34.31 5.64
CA LYS B 23 -18.10 -35.41 5.59
C LYS B 23 -16.71 -34.90 5.98
N PRO B 24 -15.85 -35.78 6.53
CA PRO B 24 -14.49 -35.36 6.88
C PRO B 24 -13.67 -34.88 5.67
N LEU B 25 -12.97 -33.77 5.86
CA LEU B 25 -12.11 -33.21 4.83
C LEU B 25 -10.64 -33.34 5.24
N TYR B 26 -9.77 -33.43 4.24
CA TYR B 26 -8.34 -33.61 4.48
C TYR B 26 -7.47 -32.71 3.58
N GLY B 27 -6.26 -32.43 4.04
CA GLY B 27 -5.31 -31.60 3.29
C GLY B 27 -5.84 -30.19 3.04
N ASN B 28 -5.51 -29.64 1.88
CA ASN B 28 -5.90 -28.26 1.56
C ASN B 28 -7.41 -28.07 1.46
N ASP B 29 -8.11 -29.16 1.16
CA ASP B 29 -9.57 -29.13 1.03
C ASP B 29 -10.28 -28.78 2.34
N ARG B 30 -9.58 -28.89 3.46
CA ARG B 30 -10.16 -28.48 4.76
C ARG B 30 -10.48 -26.99 4.78
N PHE B 31 -9.77 -26.20 3.97
CA PHE B 31 -9.78 -24.74 4.10
C PHE B 31 -10.43 -24.02 2.94
N GLU B 32 -11.00 -22.86 3.23
CA GLU B 32 -11.47 -21.92 2.21
C GLU B 32 -11.26 -20.49 2.72
N GLY B 33 -11.39 -19.53 1.82
CA GLY B 33 -11.29 -18.13 2.20
C GLY B 33 -10.48 -17.31 1.22
N TYR B 34 -10.41 -16.01 1.49
CA TYR B 34 -9.68 -15.06 0.65
C TYR B 34 -8.25 -15.50 0.39
N CYS B 35 -7.57 -15.95 1.44
CA CYS B 35 -6.17 -16.36 1.28
C CYS B 35 -6.01 -17.68 0.52
N LEU B 36 -7.00 -18.56 0.61
CA LEU B 36 -6.96 -19.78 -0.20
C LEU B 36 -7.16 -19.43 -1.67
N ASP B 37 -8.09 -18.52 -1.96
CA ASP B 37 -8.25 -18.05 -3.35
C ASP B 37 -6.97 -17.35 -3.84
N LEU B 38 -6.36 -16.53 -2.97
CA LEU B 38 -5.13 -15.85 -3.32
C LEU B 38 -4.05 -16.88 -3.70
N LEU B 39 -3.93 -17.93 -2.89
CA LEU B 39 -3.00 -19.02 -3.19
C LEU B 39 -3.29 -19.68 -4.55
N LYS B 40 -4.56 -19.89 -4.88
CA LYS B 40 -4.90 -20.54 -6.15
C LYS B 40 -4.44 -19.67 -7.31
N GLU B 41 -4.61 -18.36 -7.14
CA GLU B 41 -4.21 -17.40 -8.17
C GLU B 41 -2.69 -17.29 -8.29
N LEU B 42 -2.01 -17.09 -7.16
CA LEU B 42 -0.56 -16.94 -7.14
C LEU B 42 0.12 -18.16 -7.71
N SER B 43 -0.32 -19.34 -7.26
CA SER B 43 0.26 -20.60 -7.72
C SER B 43 0.08 -20.82 -9.24
N ASN B 44 -1.05 -20.39 -9.80
CA ASN B 44 -1.23 -20.46 -11.26
C ASN B 44 -0.19 -19.61 -11.99
N ILE B 45 0.06 -18.41 -11.45
CA ILE B 45 0.96 -17.47 -12.10
C ILE B 45 2.43 -17.89 -11.96
N LEU B 46 2.77 -18.52 -10.84
CA LEU B 46 4.16 -18.88 -10.52
C LEU B 46 4.54 -20.33 -10.87
N GLY B 47 3.55 -21.20 -11.01
CA GLY B 47 3.79 -22.57 -11.46
C GLY B 47 4.11 -23.54 -10.33
N PHE B 48 3.42 -23.45 -9.20
CA PHE B 48 3.67 -24.40 -8.11
C PHE B 48 2.39 -24.96 -7.52
N ILE B 49 2.51 -26.09 -6.83
CA ILE B 49 1.49 -26.54 -5.90
C ILE B 49 2.04 -26.37 -4.49
N TYR B 50 1.17 -26.53 -3.48
CA TYR B 50 1.49 -26.12 -2.11
C TYR B 50 0.73 -26.92 -1.08
N ASP B 51 1.27 -26.96 0.13
CA ASP B 51 0.70 -27.69 1.26
C ASP B 51 0.41 -26.65 2.32
N VAL B 52 -0.87 -26.49 2.66
CA VAL B 52 -1.28 -25.51 3.67
C VAL B 52 -1.16 -26.09 5.07
N LYS B 53 -0.37 -25.42 5.91
CA LYS B 53 -0.10 -25.93 7.26
C LYS B 53 -0.36 -24.85 8.29
N LEU B 54 -1.33 -25.08 9.18
CA LEU B 54 -1.62 -24.13 10.24
C LEU B 54 -0.43 -23.99 11.18
N VAL B 55 -0.09 -22.75 11.53
CA VAL B 55 1.03 -22.50 12.43
C VAL B 55 0.81 -23.18 13.79
N PRO B 56 1.72 -24.07 14.19
CA PRO B 56 1.47 -24.85 15.42
C PRO B 56 1.11 -24.04 16.66
N ASP B 57 1.80 -22.93 16.91
CA ASP B 57 1.49 -22.16 18.12
C ASP B 57 0.29 -21.20 17.97
N GLY B 58 -0.29 -21.15 16.78
CA GLY B 58 -1.49 -20.35 16.55
C GLY B 58 -1.28 -18.84 16.64
N LYS B 59 -0.04 -18.38 16.46
CA LYS B 59 0.29 -16.95 16.57
C LYS B 59 0.76 -16.36 15.24
N TYR B 60 0.57 -15.06 15.11
CA TYR B 60 1.08 -14.32 13.96
C TYR B 60 2.59 -14.13 14.07
N GLY B 61 3.04 -13.53 15.18
CA GLY B 61 4.47 -13.48 15.48
C GLY B 61 4.92 -12.18 16.12
N ALA B 62 5.60 -12.31 17.25
CA ALA B 62 6.22 -11.19 17.93
C ALA B 62 7.52 -11.65 18.55
N GLN B 63 8.38 -10.69 18.88
CA GLN B 63 9.72 -10.95 19.38
C GLN B 63 9.72 -10.66 20.88
N ASN B 64 10.27 -11.59 21.67
CA ASN B 64 10.40 -11.35 23.11
C ASN B 64 11.60 -10.45 23.44
N ASP B 65 11.77 -10.17 24.73
CA ASP B 65 12.83 -9.27 25.19
C ASP B 65 14.19 -9.99 25.21
N LYS B 66 14.40 -10.82 24.19
CA LYS B 66 15.65 -11.53 23.96
C LYS B 66 15.82 -11.78 22.46
N GLY B 67 14.90 -11.22 21.67
CA GLY B 67 14.99 -11.26 20.21
C GLY B 67 14.42 -12.51 19.56
N GLU B 68 13.79 -13.36 20.37
CA GLU B 68 13.24 -14.64 19.89
C GLU B 68 11.83 -14.43 19.37
N TRP B 69 11.59 -14.87 18.14
CA TRP B 69 10.28 -14.78 17.51
C TRP B 69 9.43 -16.04 17.74
N ASN B 70 8.13 -15.89 17.52
CA ASN B 70 7.20 -17.02 17.53
C ASN B 70 6.27 -16.90 16.32
N GLY B 71 5.24 -17.74 16.26
CA GLY B 71 4.23 -17.66 15.20
C GLY B 71 4.72 -17.92 13.79
N MET B 72 3.97 -17.39 12.83
CA MET B 72 4.32 -17.56 11.42
C MET B 72 5.67 -16.93 11.10
N VAL B 73 5.98 -15.82 11.77
CA VAL B 73 7.26 -15.16 11.51
C VAL B 73 8.41 -16.11 11.85
N LYS B 74 8.34 -16.78 13.00
CA LYS B 74 9.36 -17.78 13.34
C LYS B 74 9.42 -18.95 12.31
N GLU B 75 8.26 -19.39 11.83
CA GLU B 75 8.25 -20.47 10.82
C GLU B 75 9.06 -20.07 9.59
N LEU B 76 8.97 -18.80 9.20
CA LEU B 76 9.75 -18.33 8.06
C LEU B 76 11.23 -18.16 8.39
N ILE B 77 11.53 -17.52 9.50
CA ILE B 77 12.94 -17.35 9.92
C ILE B 77 13.67 -18.70 9.96
N ASP B 78 12.97 -19.70 10.49
CA ASP B 78 13.55 -21.03 10.65
C ASP B 78 13.41 -21.90 9.40
N HIS B 79 12.94 -21.32 8.29
CA HIS B 79 12.78 -22.09 7.05
C HIS B 79 11.96 -23.37 7.26
N ARG B 80 10.89 -23.26 8.03
CA ARG B 80 9.94 -24.36 8.19
C ARG B 80 8.87 -24.27 7.11
N ALA B 81 8.70 -23.08 6.54
CA ALA B 81 7.73 -22.84 5.49
C ALA B 81 8.38 -21.99 4.41
N ASP B 82 7.90 -22.16 3.18
CA ASP B 82 8.35 -21.36 2.03
C ASP B 82 7.66 -20.00 1.97
N LEU B 83 6.37 -19.99 2.31
CA LEU B 83 5.52 -18.80 2.22
CA LEU B 83 5.58 -18.75 2.29
C LEU B 83 4.60 -18.73 3.44
N ALA B 84 4.27 -17.51 3.88
CA ALA B 84 3.19 -17.28 4.86
C ALA B 84 2.12 -16.53 4.07
N VAL B 85 0.97 -17.17 3.91
CA VAL B 85 -0.16 -16.55 3.21
C VAL B 85 -1.33 -16.45 4.18
N ALA B 86 -1.57 -15.22 4.62
CA ALA B 86 -2.41 -14.93 5.77
C ALA B 86 -2.60 -13.42 5.81
N PRO B 87 -3.52 -12.92 6.64
CA PRO B 87 -3.55 -11.47 6.90
C PRO B 87 -2.36 -11.07 7.77
N LEU B 88 -1.18 -11.09 7.16
CA LEU B 88 0.09 -10.90 7.84
C LEU B 88 0.56 -9.47 7.60
N THR B 89 0.57 -8.68 8.67
CA THR B 89 0.88 -7.26 8.55
C THR B 89 2.35 -6.98 8.30
N ILE B 90 2.60 -6.15 7.28
CA ILE B 90 3.94 -5.72 6.89
C ILE B 90 4.39 -4.64 7.87
N THR B 91 5.42 -4.93 8.67
CA THR B 91 5.91 -4.00 9.68
C THR B 91 7.42 -3.87 9.62
N TYR B 92 7.91 -2.74 10.09
CA TYR B 92 9.34 -2.46 10.19
C TYR B 92 10.11 -3.57 10.91
N VAL B 93 9.64 -3.97 12.10
CA VAL B 93 10.38 -4.99 12.87
CA VAL B 93 10.37 -4.97 12.88
C VAL B 93 10.40 -6.33 12.16
N ARG B 94 9.31 -6.68 11.48
CA ARG B 94 9.27 -7.95 10.74
C ARG B 94 10.09 -7.90 9.47
N GLU B 95 10.05 -6.75 8.78
CA GLU B 95 10.78 -6.63 7.51
C GLU B 95 12.28 -6.82 7.71
N LYS B 96 12.76 -6.54 8.91
CA LYS B 96 14.18 -6.74 9.22
C LYS B 96 14.57 -8.23 9.27
N VAL B 97 13.58 -9.10 9.49
CA VAL B 97 13.89 -10.53 9.71
C VAL B 97 13.31 -11.48 8.68
N ILE B 98 12.30 -11.03 7.92
CA ILE B 98 11.75 -11.83 6.82
C ILE B 98 11.62 -10.93 5.60
N ASP B 99 11.29 -11.51 4.44
CA ASP B 99 10.96 -10.71 3.28
C ASP B 99 9.44 -10.70 3.12
N PHE B 100 8.88 -9.53 2.84
CA PHE B 100 7.47 -9.47 2.52
C PHE B 100 7.30 -9.15 1.04
N SER B 101 6.25 -9.70 0.42
CA SER B 101 5.79 -9.20 -0.87
C SER B 101 5.23 -7.78 -0.73
N LYS B 102 5.01 -7.13 -1.88
CA LYS B 102 4.20 -5.92 -1.90
C LYS B 102 2.80 -6.22 -1.32
N PRO B 103 2.13 -5.19 -0.79
CA PRO B 103 0.85 -5.43 -0.11
C PRO B 103 -0.27 -5.85 -1.06
N PHE B 104 -1.13 -6.76 -0.58
CA PHE B 104 -2.35 -7.15 -1.30
C PHE B 104 -3.63 -6.55 -0.71
N MET B 105 -3.51 -5.81 0.40
CA MET B 105 -4.65 -5.21 1.09
C MET B 105 -4.09 -4.18 2.05
N THR B 106 -4.85 -3.13 2.30
CA THR B 106 -4.49 -2.16 3.33
C THR B 106 -5.61 -2.05 4.35
N LEU B 107 -5.23 -1.56 5.53
CA LEU B 107 -6.08 -1.53 6.70
C LEU B 107 -5.44 -0.67 7.77
N GLY B 108 -6.14 -0.49 8.89
CA GLY B 108 -5.57 0.18 10.05
C GLY B 108 -6.20 -0.36 11.30
N ILE B 109 -5.50 -0.19 12.43
CA ILE B 109 -6.02 -0.57 13.75
C ILE B 109 -7.19 0.34 14.11
N SER B 110 -8.26 -0.27 14.62
CA SER B 110 -9.36 0.48 15.21
C SER B 110 -9.89 -0.29 16.42
N ILE B 111 -11.08 0.09 16.93
CA ILE B 111 -11.63 -0.50 18.15
C ILE B 111 -12.94 -1.20 17.84
N LEU B 112 -13.09 -2.44 18.31
CA LEU B 112 -14.34 -3.19 18.24
C LEU B 112 -14.94 -3.22 19.64
N TYR B 113 -16.20 -2.83 19.75
CA TYR B 113 -16.92 -2.93 21.02
C TYR B 113 -18.41 -3.20 20.78
N ARG B 114 -19.17 -3.36 21.86
CA ARG B 114 -20.62 -3.40 21.77
C ARG B 114 -21.20 -1.99 21.61
N LYS B 115 -22.49 -1.92 21.32
CA LYS B 115 -23.14 -0.63 21.13
C LYS B 115 -23.55 0.01 22.47
N GLY B 116 -23.79 1.32 22.44
CA GLY B 116 -24.43 1.99 23.57
C GLY B 116 -23.60 2.79 24.56
N THR B 117 -22.29 2.90 24.33
CA THR B 117 -21.44 3.68 25.23
C THR B 117 -21.07 5.04 24.63
N PRO B 118 -20.63 5.99 25.48
CA PRO B 118 -20.18 7.28 24.97
C PRO B 118 -18.74 7.26 24.44
N ILE B 119 -18.07 6.10 24.51
CA ILE B 119 -16.69 6.02 24.04
C ILE B 119 -16.69 6.18 22.53
N ASP B 120 -15.89 7.12 22.05
CA ASP B 120 -15.88 7.51 20.65
C ASP B 120 -14.46 7.53 20.05
N SER B 121 -13.45 7.18 20.84
CA SER B 121 -12.06 7.23 20.40
C SER B 121 -11.15 6.44 21.34
N ALA B 122 -9.91 6.22 20.89
CA ALA B 122 -8.91 5.59 21.75
C ALA B 122 -8.62 6.47 22.97
N ASP B 123 -8.57 7.79 22.77
CA ASP B 123 -8.41 8.73 23.88
C ASP B 123 -9.46 8.49 24.97
N ASP B 124 -10.73 8.41 24.55
CA ASP B 124 -11.83 8.12 25.46
C ASP B 124 -11.64 6.78 26.15
N LEU B 125 -11.29 5.77 25.38
CA LEU B 125 -11.12 4.43 25.91
C LEU B 125 -9.99 4.36 26.96
N ALA B 126 -8.88 5.05 26.69
CA ALA B 126 -7.73 5.03 27.59
C ALA B 126 -8.03 5.78 28.88
N LYS B 127 -8.87 6.80 28.80
CA LYS B 127 -9.15 7.67 29.94
C LYS B 127 -10.12 7.03 30.93
N GLN B 128 -11.15 6.38 30.40
CA GLN B 128 -12.20 5.78 31.23
C GLN B 128 -11.69 4.55 31.99
N THR B 129 -12.42 4.19 33.04
CA THR B 129 -12.02 3.09 33.92
C THR B 129 -13.13 2.06 34.11
N LYS B 130 -14.10 2.07 33.21
CA LYS B 130 -15.24 1.15 33.30
C LYS B 130 -15.01 -0.12 32.48
N ILE B 131 -14.49 0.02 31.27
CA ILE B 131 -14.29 -1.15 30.42
C ILE B 131 -12.80 -1.49 30.19
N GLU B 132 -12.51 -2.79 30.15
CA GLU B 132 -11.17 -3.32 29.89
C GLU B 132 -10.94 -3.26 28.38
N TYR B 133 -9.68 -3.36 27.95
CA TYR B 133 -9.39 -3.43 26.52
C TYR B 133 -8.06 -4.12 26.30
N GLY B 134 -7.81 -4.52 25.06
CA GLY B 134 -6.58 -5.23 24.74
C GLY B 134 -6.49 -5.57 23.28
N ALA B 135 -5.70 -6.59 22.97
CA ALA B 135 -5.38 -6.97 21.61
C ALA B 135 -5.04 -8.45 21.59
N VAL B 136 -4.98 -9.04 20.41
CA VAL B 136 -4.50 -10.41 20.27
C VAL B 136 -3.01 -10.48 20.66
N ARG B 137 -2.69 -11.44 21.51
CA ARG B 137 -1.30 -11.61 21.97
C ARG B 137 -0.41 -11.98 20.79
N ASP B 138 0.73 -11.29 20.71
CA ASP B 138 1.82 -11.63 19.76
C ASP B 138 1.48 -11.41 18.30
N GLY B 139 0.63 -10.43 18.05
CA GLY B 139 0.40 -9.91 16.71
C GLY B 139 0.91 -8.49 16.59
N SER B 140 0.70 -7.90 15.41
CA SER B 140 1.21 -6.57 15.10
C SER B 140 0.46 -5.46 15.84
N THR B 141 -0.80 -5.70 16.19
CA THR B 141 -1.52 -4.70 16.97
C THR B 141 -0.93 -4.59 18.38
N MET B 142 -0.67 -5.72 19.00
CA MET B 142 0.01 -5.71 20.31
C MET B 142 1.33 -4.97 20.19
N THR B 143 2.09 -5.29 19.14
CA THR B 143 3.41 -4.70 18.95
C THR B 143 3.30 -3.19 18.69
N PHE B 144 2.24 -2.77 17.99
CA PHE B 144 2.00 -1.33 17.78
C PHE B 144 1.96 -0.61 19.12
N PHE B 145 1.20 -1.17 20.05
CA PHE B 145 1.09 -0.55 21.37
C PHE B 145 2.39 -0.64 22.14
N LYS B 146 3.04 -1.82 22.09
CA LYS B 146 4.29 -2.03 22.84
C LYS B 146 5.38 -1.04 22.43
N LYS B 147 5.38 -0.64 21.15
CA LYS B 147 6.43 0.19 20.58
C LYS B 147 6.07 1.68 20.50
N SER B 148 4.82 2.02 20.80
CA SER B 148 4.36 3.39 20.59
C SER B 148 5.07 4.40 21.48
N LYS B 149 5.35 5.57 20.91
CA LYS B 149 5.85 6.71 21.67
C LYS B 149 4.78 7.82 21.78
N ILE B 150 3.54 7.49 21.39
CA ILE B 150 2.40 8.39 21.56
C ILE B 150 1.81 8.16 22.96
N SER B 151 1.62 9.24 23.72
CA SER B 151 1.26 9.13 25.13
CA SER B 151 1.23 9.13 25.12
C SER B 151 0.03 8.24 25.36
N THR B 152 -1.07 8.51 24.65
CA THR B 152 -2.30 7.72 24.82
C THR B 152 -2.00 6.23 24.63
N TYR B 153 -1.22 5.93 23.61
CA TYR B 153 -0.97 4.52 23.26
C TYR B 153 0.03 3.89 24.23
N GLU B 154 0.97 4.67 24.75
CA GLU B 154 1.88 4.19 25.80
C GLU B 154 1.09 3.82 27.06
N LYS B 155 0.13 4.65 27.43
CA LYS B 155 -0.75 4.34 28.56
C LYS B 155 -1.54 3.07 28.28
N MET B 156 -2.10 2.98 27.09
CA MET B 156 -2.86 1.78 26.71
C MET B 156 -2.00 0.51 26.78
N TRP B 157 -0.75 0.58 26.32
CA TRP B 157 0.16 -0.57 26.45
C TRP B 157 0.41 -0.91 27.93
N ALA B 158 0.68 0.10 28.75
CA ALA B 158 0.91 -0.17 30.17
C ALA B 158 -0.31 -0.86 30.78
N PHE B 159 -1.49 -0.40 30.39
CA PHE B 159 -2.74 -1.01 30.88
C PHE B 159 -2.85 -2.49 30.44
N MET B 160 -2.67 -2.73 29.14
CA MET B 160 -2.77 -4.10 28.63
C MET B 160 -1.76 -5.01 29.30
N SER B 161 -0.53 -4.52 29.47
CA SER B 161 0.54 -5.29 30.08
C SER B 161 0.21 -5.64 31.52
N SER B 162 -0.34 -4.66 32.24
CA SER B 162 -0.66 -4.84 33.66
C SER B 162 -1.77 -5.87 33.88
N ARG B 163 -2.53 -6.14 32.82
CA ARG B 163 -3.66 -7.07 32.91
C ARG B 163 -3.50 -8.16 31.83
N GLN B 164 -2.24 -8.50 31.50
CA GLN B 164 -1.92 -9.30 30.30
C GLN B 164 -2.71 -10.61 30.24
N GLN B 165 -2.90 -11.24 31.39
CA GLN B 165 -3.56 -12.53 31.46
C GLN B 165 -4.93 -12.55 30.77
N THR B 166 -5.64 -11.42 30.83
CA THR B 166 -6.96 -11.32 30.22
C THR B 166 -7.00 -10.30 29.08
N ALA B 167 -6.22 -9.23 29.21
CA ALA B 167 -6.24 -8.17 28.20
C ALA B 167 -5.67 -8.62 26.86
N LEU B 168 -4.65 -9.45 26.89
CA LEU B 168 -4.03 -9.97 25.66
C LEU B 168 -4.59 -11.33 25.37
N VAL B 169 -5.52 -11.37 24.41
CA VAL B 169 -6.31 -12.57 24.14
C VAL B 169 -5.60 -13.52 23.17
N ARG B 170 -5.95 -14.79 23.22
CA ARG B 170 -5.22 -15.82 22.46
C ARG B 170 -5.31 -15.62 20.96
N ASN B 171 -6.47 -15.21 20.48
CA ASN B 171 -6.74 -15.08 19.06
C ASN B 171 -8.00 -14.25 18.89
N SER B 172 -8.35 -13.94 17.65
CA SER B 172 -9.49 -13.06 17.41
C SER B 172 -10.82 -13.65 17.87
N ASP B 173 -10.96 -14.98 17.79
CA ASP B 173 -12.17 -15.66 18.27
C ASP B 173 -12.40 -15.39 19.75
N GLU B 174 -11.36 -15.58 20.56
CA GLU B 174 -11.48 -15.34 21.99
C GLU B 174 -11.67 -13.84 22.26
N GLY B 175 -11.03 -13.00 21.46
CA GLY B 175 -11.23 -11.55 21.57
C GLY B 175 -12.66 -11.12 21.33
N ILE B 176 -13.27 -11.60 20.24
CA ILE B 176 -14.66 -11.28 19.96
C ILE B 176 -15.61 -11.80 21.04
N GLN B 177 -15.39 -13.02 21.49
CA GLN B 177 -16.25 -13.56 22.54
C GLN B 177 -16.12 -12.74 23.82
N ARG B 178 -14.91 -12.25 24.12
CA ARG B 178 -14.69 -11.41 25.30
CA ARG B 178 -14.71 -11.42 25.31
C ARG B 178 -15.47 -10.10 25.18
N VAL B 179 -15.47 -9.51 23.97
CA VAL B 179 -16.26 -8.30 23.71
C VAL B 179 -17.76 -8.54 23.93
N LEU B 180 -18.23 -9.70 23.48
CA LEU B 180 -19.65 -10.02 23.56
C LEU B 180 -20.11 -10.33 24.97
N THR B 181 -19.22 -10.91 25.77
CA THR B 181 -19.60 -11.47 27.08
C THR B 181 -19.14 -10.67 28.31
N THR B 182 -18.17 -9.77 28.13
CA THR B 182 -17.64 -8.97 29.24
C THR B 182 -17.47 -7.52 28.79
N ASP B 183 -17.19 -6.63 29.73
CA ASP B 183 -16.97 -5.22 29.38
C ASP B 183 -15.54 -5.04 28.91
N TYR B 184 -15.33 -5.36 27.63
CA TYR B 184 -14.01 -5.41 27.03
C TYR B 184 -14.10 -4.93 25.58
N ALA B 185 -13.20 -4.03 25.19
CA ALA B 185 -13.06 -3.58 23.81
C ALA B 185 -11.79 -4.17 23.20
N LEU B 186 -11.88 -4.61 21.95
CA LEU B 186 -10.75 -5.21 21.25
C LEU B 186 -10.13 -4.28 20.22
N LEU B 187 -8.83 -4.06 20.35
CA LEU B 187 -8.08 -3.33 19.32
C LEU B 187 -7.83 -4.32 18.19
N MET B 188 -8.32 -3.98 16.99
CA MET B 188 -8.47 -4.96 15.92
C MET B 188 -8.25 -4.25 14.58
N GLU B 189 -7.73 -4.98 13.59
CA GLU B 189 -7.57 -4.40 12.27
C GLU B 189 -8.92 -4.17 11.56
N SER B 190 -8.99 -3.05 10.86
CA SER B 190 -10.26 -2.52 10.35
C SER B 190 -10.99 -3.44 9.38
N THR B 191 -10.24 -4.20 8.59
CA THR B 191 -10.83 -5.13 7.64
C THR B 191 -11.59 -6.24 8.37
N SER B 192 -11.12 -6.65 9.54
CA SER B 192 -11.84 -7.63 10.33
C SER B 192 -13.02 -6.99 11.04
N ILE B 193 -12.87 -5.75 11.49
CA ILE B 193 -14.01 -5.05 12.11
C ILE B 193 -15.13 -4.94 11.08
N GLU B 194 -14.78 -4.60 9.85
CA GLU B 194 -15.76 -4.45 8.78
C GLU B 194 -16.50 -5.78 8.55
N TYR B 195 -15.75 -6.87 8.59
CA TYR B 195 -16.32 -8.19 8.38
C TYR B 195 -17.31 -8.55 9.50
N VAL B 196 -16.87 -8.39 10.75
CA VAL B 196 -17.69 -8.83 11.89
C VAL B 196 -18.94 -7.98 12.11
N THR B 197 -18.80 -6.68 11.91
CA THR B 197 -19.90 -5.75 12.18
C THR B 197 -20.97 -5.80 11.12
N GLN B 198 -20.68 -6.43 9.99
CA GLN B 198 -21.76 -6.64 9.02
C GLN B 198 -22.48 -7.98 9.21
N ARG B 199 -22.01 -8.74 10.21
CA ARG B 199 -22.55 -10.05 10.53
C ARG B 199 -23.17 -10.15 11.93
N ASN B 200 -22.60 -9.44 12.89
CA ASN B 200 -23.13 -9.41 14.23
C ASN B 200 -23.51 -7.97 14.52
N CYS B 201 -24.81 -7.70 14.56
CA CYS B 201 -25.28 -6.33 14.66
C CYS B 201 -25.21 -5.78 16.09
N ASN B 202 -24.71 -6.60 17.02
CA ASN B 202 -24.46 -6.08 18.36
C ASN B 202 -23.08 -5.46 18.50
N LEU B 203 -22.25 -5.64 17.47
CA LEU B 203 -20.89 -5.13 17.46
C LEU B 203 -20.76 -3.86 16.62
N THR B 204 -19.79 -3.02 16.96
CA THR B 204 -19.58 -1.78 16.24
C THR B 204 -18.11 -1.36 16.32
N GLN B 205 -17.67 -0.61 15.30
CA GLN B 205 -16.39 0.08 15.38
C GLN B 205 -16.53 1.32 16.26
N ILE B 206 -15.49 1.62 17.03
CA ILE B 206 -15.40 2.85 17.82
C ILE B 206 -14.24 3.70 17.27
N GLY B 207 -14.57 4.92 16.87
CA GLY B 207 -13.58 5.84 16.32
C GLY B 207 -13.14 5.45 14.93
N GLY B 208 -12.06 6.10 14.47
CA GLY B 208 -11.54 5.80 13.14
C GLY B 208 -10.31 4.93 13.20
N LEU B 209 -9.52 4.98 12.14
CA LEU B 209 -8.29 4.21 12.08
C LEU B 209 -7.16 4.97 12.74
N ILE B 210 -6.39 4.26 13.56
CA ILE B 210 -5.28 4.91 14.27
C ILE B 210 -3.93 4.78 13.57
N ASP B 211 -3.87 3.93 12.54
CA ASP B 211 -2.70 3.88 11.67
C ASP B 211 -3.13 3.37 10.29
N SER B 212 -2.16 3.18 9.40
CA SER B 212 -2.43 2.63 8.08
C SER B 212 -1.24 1.78 7.68
N LYS B 213 -1.52 0.59 7.15
CA LYS B 213 -0.45 -0.35 6.77
C LYS B 213 -1.04 -1.42 5.86
N GLY B 214 -0.22 -2.38 5.45
CA GLY B 214 -0.68 -3.39 4.51
C GLY B 214 -0.42 -4.81 4.95
N TYR B 215 -1.12 -5.75 4.30
CA TYR B 215 -0.84 -7.18 4.42
C TYR B 215 0.03 -7.61 3.23
N GLY B 216 1.00 -8.48 3.52
CA GLY B 216 1.83 -9.05 2.46
C GLY B 216 2.07 -10.51 2.67
N VAL B 217 2.47 -11.20 1.60
CA VAL B 217 2.92 -12.59 1.70
C VAL B 217 4.33 -12.59 2.27
N GLY B 218 4.57 -13.39 3.31
CA GLY B 218 5.90 -13.46 3.91
C GLY B 218 6.72 -14.59 3.33
N THR B 219 8.02 -14.37 3.20
CA THR B 219 8.97 -15.42 2.82
C THR B 219 10.23 -15.27 3.68
N PRO B 220 11.02 -16.35 3.79
CA PRO B 220 12.29 -16.19 4.50
C PRO B 220 13.18 -15.19 3.77
N ILE B 221 14.00 -14.45 4.51
CA ILE B 221 14.96 -13.52 3.89
C ILE B 221 15.77 -14.25 2.82
N GLY B 222 15.91 -13.62 1.66
CA GLY B 222 16.67 -14.20 0.57
C GLY B 222 15.88 -15.17 -0.30
N SER B 223 14.59 -15.36 0.01
CA SER B 223 13.79 -16.28 -0.77
C SER B 223 13.78 -15.90 -2.24
N PRO B 224 13.97 -16.90 -3.12
CA PRO B 224 13.85 -16.71 -4.57
C PRO B 224 12.40 -16.60 -5.02
N TYR B 225 11.45 -16.72 -4.09
CA TYR B 225 10.03 -16.57 -4.45
C TYR B 225 9.46 -15.18 -4.19
N ARG B 226 10.07 -14.40 -3.30
CA ARG B 226 9.45 -13.13 -2.89
C ARG B 226 9.20 -12.18 -4.07
N ASP B 227 10.21 -11.98 -4.91
CA ASP B 227 10.05 -11.07 -6.07
C ASP B 227 9.02 -11.58 -7.08
N LYS B 228 8.98 -12.88 -7.32
CA LYS B 228 7.95 -13.47 -8.16
C LYS B 228 6.55 -13.28 -7.57
N ILE B 229 6.42 -13.46 -6.25
CA ILE B 229 5.15 -13.26 -5.58
CA ILE B 229 5.14 -13.26 -5.59
C ILE B 229 4.71 -11.79 -5.67
N THR B 230 5.66 -10.88 -5.49
CA THR B 230 5.36 -9.47 -5.64
C THR B 230 4.82 -9.15 -7.02
N ILE B 231 5.49 -9.69 -8.05
CA ILE B 231 5.07 -9.42 -9.41
C ILE B 231 3.65 -9.98 -9.65
N ALA B 232 3.40 -11.18 -9.16
CA ALA B 232 2.08 -11.79 -9.27
C ALA B 232 1.00 -10.99 -8.53
N ILE B 233 1.34 -10.45 -7.35
CA ILE B 233 0.39 -9.62 -6.60
C ILE B 233 0.04 -8.36 -7.38
N LEU B 234 1.04 -7.73 -7.97
CA LEU B 234 0.79 -6.55 -8.80
C LEU B 234 -0.09 -6.88 -10.01
N GLN B 235 0.14 -8.04 -10.61
CA GLN B 235 -0.73 -8.50 -11.69
C GLN B 235 -2.18 -8.62 -11.22
N LEU B 236 -2.37 -9.29 -10.07
CA LEU B 236 -3.72 -9.48 -9.54
C LEU B 236 -4.38 -8.16 -9.16
N GLN B 237 -3.58 -7.24 -8.63
CA GLN B 237 -4.02 -5.90 -8.27
C GLN B 237 -4.54 -5.18 -9.50
N GLU B 238 -3.69 -5.11 -10.52
CA GLU B 238 -4.00 -4.32 -11.71
C GLU B 238 -5.17 -4.91 -12.51
N GLU B 239 -5.30 -6.23 -12.46
CA GLU B 239 -6.38 -6.92 -13.17
C GLU B 239 -7.71 -6.85 -12.42
N GLY B 240 -7.69 -6.28 -11.22
CA GLY B 240 -8.90 -6.12 -10.43
C GLY B 240 -9.29 -7.36 -9.64
N LYS B 241 -8.46 -8.38 -9.70
CA LYS B 241 -8.76 -9.67 -9.07
C LYS B 241 -8.75 -9.61 -7.53
N LEU B 242 -7.83 -8.84 -6.96
CA LEU B 242 -7.79 -8.67 -5.51
C LEU B 242 -9.07 -8.01 -5.03
N HIS B 243 -9.52 -7.00 -5.76
CA HIS B 243 -10.76 -6.30 -5.43
C HIS B 243 -11.94 -7.27 -5.50
N MET B 244 -11.98 -8.09 -6.56
CA MET B 244 -13.02 -9.09 -6.73
C MET B 244 -13.03 -10.11 -5.59
N MET B 245 -11.85 -10.54 -5.17
CA MET B 245 -11.74 -11.48 -4.06
C MET B 245 -12.22 -10.87 -2.75
N LYS B 246 -11.95 -9.58 -2.54
CA LYS B 246 -12.43 -8.91 -1.33
C LYS B 246 -13.96 -8.87 -1.35
N GLU B 247 -14.53 -8.48 -2.49
CA GLU B 247 -15.99 -8.42 -2.62
C GLU B 247 -16.62 -9.78 -2.36
N LYS B 248 -15.97 -10.84 -2.85
CA LYS B 248 -16.48 -12.20 -2.71
C LYS B 248 -16.57 -12.64 -1.25
N TRP B 249 -15.52 -12.32 -0.49
CA TRP B 249 -15.40 -12.83 0.87
C TRP B 249 -16.01 -11.94 1.94
N TRP B 250 -16.21 -10.66 1.62
CA TRP B 250 -16.80 -9.71 2.56
C TRP B 250 -18.30 -9.45 2.30
N ARG B 251 -18.77 -9.69 1.07
CA ARG B 251 -20.20 -9.43 0.75
C ARG B 251 -21.15 -10.15 1.71
N GLY B 252 -22.26 -9.50 2.10
CA GLY B 252 -22.54 -8.08 1.86
C GLY B 252 -22.93 -7.37 3.16
N ASN B 253 -23.56 -6.20 3.06
CA ASN B 253 -23.96 -5.43 4.24
C ASN B 253 -25.20 -6.01 4.94
N GLY B 254 -25.03 -6.43 6.21
CA GLY B 254 -26.08 -7.12 6.94
C GLY B 254 -26.67 -6.40 8.15
N CYS B 255 -26.13 -5.23 8.50
CA CYS B 255 -26.56 -4.52 9.71
C CYS B 255 -26.80 -3.03 9.46
N PRO B 256 -27.77 -2.43 10.19
CA PRO B 256 -27.99 -0.99 10.10
C PRO B 256 -26.78 -0.16 10.51
#